data_4BMY
#
_entry.id   4BMY
#
_cell.length_a   54.849
_cell.length_b   123.414
_cell.length_c   145.853
_cell.angle_alpha   90.00
_cell.angle_beta   90.00
_cell.angle_gamma   90.00
#
_symmetry.space_group_name_H-M   'C 2 2 21'
#
loop_
_entity.id
_entity.type
_entity.pdbx_description
1 polymer 'MTA/SAH NUCLEOSIDASE'
2 non-polymer 'SULFATE ION'
3 water water
#
_entity_poly.entity_id   1
_entity_poly.type   'polypeptide(L)'
_entity_poly.pdbx_seq_one_letter_code
;MGSSHHHHHHSSGLVPRGSHMVQKIGILGAMREEITPILELFGVDFEEIPLGGNVFHKGVYHNKEIIVAYSKIGKVHSTL
TTTSMILAFGVQKVLFSGVAGSLVKDLKINDLLVAIQLVQHDVDLSAFDHPLGFIPESAIFIETSESLNALAKEVANEQH
IVLKEGVIASGDQFVHSKERKEFLVSEFKASAVEMEGASVAFVCQKFGVPCCVLRSISANADEEANMSFDAFLEKSAQTS
AKFLKSMVDEL
;
_entity_poly.pdbx_strand_id   A,B
#
loop_
_chem_comp.id
_chem_comp.type
_chem_comp.name
_chem_comp.formula
SO4 non-polymer 'SULFATE ION' 'O4 S -2'
#
# COMPACT_ATOMS: atom_id res chain seq x y z
N VAL A 22 -16.33 -2.77 23.67
CA VAL A 22 -14.91 -2.58 24.09
C VAL A 22 -14.25 -1.68 23.03
N GLN A 23 -13.63 -0.60 23.48
CA GLN A 23 -13.08 0.36 22.57
C GLN A 23 -11.70 -0.17 22.23
N LYS A 24 -11.38 -0.13 20.96
CA LYS A 24 -10.11 -0.53 20.41
C LYS A 24 -9.49 0.59 19.57
N ILE A 25 -8.33 1.04 19.99
CA ILE A 25 -7.68 2.19 19.39
C ILE A 25 -6.34 1.74 18.81
N GLY A 26 -6.07 2.08 17.57
CA GLY A 26 -4.77 1.85 16.92
C GLY A 26 -3.89 3.09 17.05
N ILE A 27 -2.62 2.86 17.33
CA ILE A 27 -1.58 3.88 17.33
C ILE A 27 -0.39 3.48 16.47
N LEU A 28 -0.06 4.30 15.47
CA LEU A 28 1.06 4.03 14.58
C LEU A 28 2.12 5.10 14.84
N GLY A 29 3.39 4.68 14.73
CA GLY A 29 4.50 5.59 14.60
C GLY A 29 5.25 5.24 13.31
N ALA A 30 5.94 6.22 12.73
CA ALA A 30 6.68 6.00 11.48
C ALA A 30 8.17 5.71 11.61
N MET A 31 8.67 5.59 12.84
CA MET A 31 10.00 5.04 13.09
C MET A 31 9.86 4.06 14.21
N ARG A 32 10.67 3.02 14.20
CA ARG A 32 10.69 2.04 15.25
CA ARG A 32 10.62 2.03 15.27
C ARG A 32 10.90 2.66 16.63
N GLU A 33 11.78 3.66 16.70
CA GLU A 33 12.17 4.26 17.96
C GLU A 33 11.06 5.17 18.52
N GLU A 34 10.08 5.56 17.70
CA GLU A 34 8.92 6.33 18.18
C GLU A 34 8.02 5.45 19.05
N ILE A 35 8.09 4.14 18.84
CA ILE A 35 7.22 3.21 19.59
C ILE A 35 7.55 3.08 21.07
N THR A 36 8.85 3.05 21.43
CA THR A 36 9.25 2.85 22.77
C THR A 36 8.63 3.81 23.76
N PRO A 37 8.74 5.12 23.50
CA PRO A 37 8.12 6.03 24.49
C PRO A 37 6.60 5.99 24.55
N ILE A 38 5.98 5.57 23.49
CA ILE A 38 4.49 5.36 23.48
C ILE A 38 4.13 4.23 24.47
N LEU A 39 4.79 3.08 24.30
CA LEU A 39 4.51 1.94 25.16
C LEU A 39 4.88 2.26 26.59
N GLU A 40 6.00 2.93 26.83
CA GLU A 40 6.45 3.32 28.17
CA GLU A 40 6.37 3.23 28.21
C GLU A 40 5.42 4.19 28.92
N LEU A 41 4.94 5.20 28.21
CA LEU A 41 4.06 6.18 28.83
C LEU A 41 2.70 5.60 29.18
N PHE A 42 2.15 4.76 28.33
CA PHE A 42 0.87 4.08 28.69
C PHE A 42 1.03 3.20 29.94
N GLY A 43 2.24 2.64 30.11
CA GLY A 43 2.61 1.99 31.35
C GLY A 43 2.06 0.59 31.61
N VAL A 44 1.21 0.06 30.76
CA VAL A 44 0.66 -1.24 30.93
C VAL A 44 1.48 -2.29 30.16
N ASP A 45 1.17 -3.56 30.43
CA ASP A 45 1.79 -4.64 29.69
CA ASP A 45 1.75 -4.70 29.68
C ASP A 45 1.27 -4.69 28.25
N PHE A 46 2.20 -4.83 27.30
CA PHE A 46 1.86 -5.00 25.92
C PHE A 46 2.39 -6.35 25.40
N GLU A 47 1.49 -7.18 24.91
CA GLU A 47 1.81 -8.43 24.29
C GLU A 47 2.31 -8.16 22.86
N GLU A 48 3.32 -8.90 22.42
CA GLU A 48 3.91 -8.69 21.11
C GLU A 48 3.36 -9.74 20.19
N ILE A 49 2.65 -9.34 19.16
CA ILE A 49 2.01 -10.27 18.24
C ILE A 49 2.62 -10.06 16.84
N PRO A 50 3.19 -11.10 16.30
CA PRO A 50 3.79 -10.98 14.95
C PRO A 50 2.72 -11.29 13.88
N LEU A 51 2.71 -10.53 12.83
CA LEU A 51 1.76 -10.70 11.72
C LEU A 51 2.22 -9.95 10.50
N GLY A 52 2.37 -10.68 9.39
CA GLY A 52 2.67 -10.08 8.11
C GLY A 52 4.03 -9.35 8.12
N GLY A 53 4.96 -9.87 8.95
CA GLY A 53 6.31 -9.30 9.08
C GLY A 53 6.35 -8.04 9.95
N ASN A 54 5.19 -7.66 10.53
CA ASN A 54 5.00 -6.54 11.47
CA ASN A 54 5.25 -6.60 11.57
C ASN A 54 4.92 -7.14 12.94
N VAL A 55 5.21 -6.32 13.96
CA VAL A 55 4.98 -6.71 15.33
C VAL A 55 3.94 -5.72 15.87
N PHE A 56 2.84 -6.26 16.36
CA PHE A 56 1.81 -5.41 16.93
C PHE A 56 1.87 -5.57 18.45
N HIS A 57 1.79 -4.46 19.15
CA HIS A 57 1.86 -4.43 20.60
C HIS A 57 0.44 -4.18 21.18
N LYS A 58 -0.08 -5.13 21.93
CA LYS A 58 -1.45 -5.06 22.41
C LYS A 58 -1.53 -4.98 23.88
N GLY A 59 -2.13 -3.89 24.37
CA GLY A 59 -2.28 -3.71 25.82
C GLY A 59 -3.67 -3.16 26.15
N VAL A 60 -3.99 -3.22 27.42
CA VAL A 60 -5.30 -2.69 27.94
C VAL A 60 -5.00 -1.52 28.81
N TYR A 61 -5.61 -0.37 28.50
CA TYR A 61 -5.37 0.86 29.23
C TYR A 61 -6.75 1.46 29.52
N HIS A 62 -7.04 1.51 30.81
CA HIS A 62 -8.35 1.95 31.31
C HIS A 62 -9.48 1.38 30.46
N ASN A 63 -9.49 0.07 30.40
CA ASN A 63 -10.52 -0.68 29.73
C ASN A 63 -10.68 -0.41 28.22
N LYS A 64 -9.67 0.18 27.57
CA LYS A 64 -9.59 0.29 26.09
C LYS A 64 -8.49 -0.65 25.63
N GLU A 65 -8.65 -1.35 24.53
CA GLU A 65 -7.50 -2.08 23.94
C GLU A 65 -6.72 -1.10 23.06
N ILE A 66 -5.38 -1.04 23.26
CA ILE A 66 -4.53 -0.14 22.53
C ILE A 66 -3.60 -1.06 21.75
N ILE A 67 -3.62 -0.89 20.44
CA ILE A 67 -2.77 -1.62 19.50
C ILE A 67 -1.81 -0.67 18.88
N VAL A 68 -0.49 -0.92 19.14
CA VAL A 68 0.58 0.02 18.74
C VAL A 68 1.53 -0.74 17.75
N ALA A 69 1.88 -0.05 16.64
CA ALA A 69 2.86 -0.61 15.69
C ALA A 69 3.66 0.50 15.03
N TYR A 70 4.89 0.14 14.65
CA TYR A 70 5.72 0.84 13.67
C TYR A 70 5.12 0.57 12.27
N SER A 71 4.93 1.59 11.46
CA SER A 71 4.38 1.39 10.13
C SER A 71 5.26 0.62 9.13
N LYS A 72 6.58 0.83 9.31
CA LYS A 72 7.61 0.54 8.33
CA LYS A 72 7.61 0.56 8.35
C LYS A 72 7.58 1.60 7.21
N ILE A 73 8.56 1.55 6.35
CA ILE A 73 8.84 2.65 5.41
C ILE A 73 8.12 2.55 4.06
N GLY A 74 7.46 3.62 3.64
CA GLY A 74 6.87 3.71 2.33
C GLY A 74 5.45 3.21 2.28
N LYS A 75 4.79 3.46 1.17
CA LYS A 75 3.34 3.31 1.19
C LYS A 75 2.86 1.87 1.25
N VAL A 76 3.60 0.97 0.62
CA VAL A 76 3.19 -0.44 0.60
C VAL A 76 3.31 -0.98 2.03
N HIS A 77 4.43 -0.77 2.72
CA HIS A 77 4.54 -1.17 4.12
C HIS A 77 3.45 -0.58 4.96
N SER A 78 3.21 0.74 4.84
CA SER A 78 2.29 1.38 5.78
CA SER A 78 2.27 1.40 5.75
C SER A 78 0.84 0.97 5.50
N THR A 79 0.54 0.71 4.25
CA THR A 79 -0.78 0.20 3.86
C THR A 79 -1.01 -1.17 4.48
N LEU A 80 -0.03 -2.06 4.31
CA LEU A 80 -0.08 -3.36 4.87
C LEU A 80 -0.27 -3.30 6.40
N THR A 81 0.54 -2.49 7.09
CA THR A 81 0.45 -2.49 8.54
C THR A 81 -0.94 -1.97 9.01
N THR A 82 -1.49 -0.97 8.32
CA THR A 82 -2.77 -0.36 8.73
C THR A 82 -3.91 -1.32 8.45
N THR A 83 -3.90 -1.95 7.30
CA THR A 83 -4.95 -2.89 6.89
C THR A 83 -4.94 -4.06 7.86
N SER A 84 -3.73 -4.53 8.20
CA SER A 84 -3.59 -5.59 9.20
C SER A 84 -4.19 -5.20 10.57
N MET A 85 -3.83 -4.02 11.03
CA MET A 85 -4.30 -3.50 12.31
C MET A 85 -5.83 -3.54 12.36
N ILE A 86 -6.48 -3.04 11.30
CA ILE A 86 -7.91 -2.99 11.23
C ILE A 86 -8.52 -4.36 11.12
N LEU A 87 -8.06 -5.22 10.22
CA LEU A 87 -8.70 -6.48 9.98
C LEU A 87 -8.41 -7.51 11.08
N ALA A 88 -7.19 -7.54 11.63
CA ALA A 88 -6.81 -8.57 12.58
C ALA A 88 -7.08 -8.22 14.00
N PHE A 89 -7.04 -6.93 14.30
CA PHE A 89 -7.22 -6.43 15.65
C PHE A 89 -8.49 -5.60 15.85
N GLY A 90 -9.21 -5.26 14.80
CA GLY A 90 -10.51 -4.60 15.00
C GLY A 90 -10.46 -3.17 15.50
N VAL A 91 -9.36 -2.50 15.28
CA VAL A 91 -9.24 -1.09 15.75
C VAL A 91 -10.33 -0.26 15.09
N GLN A 92 -10.90 0.63 15.88
CA GLN A 92 -12.04 1.46 15.49
C GLN A 92 -11.67 2.88 15.21
N LYS A 93 -10.50 3.31 15.70
CA LYS A 93 -9.99 4.65 15.48
C LYS A 93 -8.45 4.51 15.42
N VAL A 94 -7.78 5.32 14.62
CA VAL A 94 -6.32 5.31 14.47
C VAL A 94 -5.72 6.69 14.68
N LEU A 95 -4.62 6.73 15.46
CA LEU A 95 -3.88 7.93 15.67
C LEU A 95 -2.47 7.63 15.09
N PHE A 96 -1.95 8.50 14.22
CA PHE A 96 -0.65 8.28 13.53
C PHE A 96 0.24 9.44 13.78
N SER A 97 1.28 9.24 14.59
CA SER A 97 2.27 10.27 14.95
CA SER A 97 2.19 10.38 14.76
C SER A 97 3.53 10.08 14.11
N GLY A 98 4.33 11.12 14.03
CA GLY A 98 5.61 11.06 13.33
C GLY A 98 6.13 12.50 13.18
N VAL A 99 7.11 12.61 12.29
CA VAL A 99 7.73 13.89 11.98
C VAL A 99 7.66 14.12 10.46
N ALA A 100 7.79 15.39 10.08
CA ALA A 100 7.71 15.76 8.66
C ALA A 100 8.60 16.95 8.36
N GLY A 101 8.98 17.10 7.10
CA GLY A 101 9.73 18.27 6.72
C GLY A 101 8.80 19.38 6.24
N SER A 102 9.03 20.59 6.67
CA SER A 102 8.18 21.73 6.29
C SER A 102 8.39 22.13 4.85
N LEU A 103 7.31 22.57 4.20
CA LEU A 103 7.38 23.16 2.86
C LEU A 103 7.09 24.65 2.88
N VAL A 104 6.81 25.23 4.05
CA VAL A 104 6.28 26.60 4.16
C VAL A 104 7.00 27.38 5.27
N LYS A 105 7.26 28.66 5.03
CA LYS A 105 8.22 29.39 5.85
C LYS A 105 7.78 29.46 7.31
N ASP A 106 6.48 29.50 7.53
CA ASP A 106 5.94 29.79 8.85
C ASP A 106 5.79 28.52 9.71
N LEU A 107 5.98 27.34 9.10
CA LEU A 107 5.95 26.09 9.77
C LEU A 107 7.39 25.69 10.06
N LYS A 108 7.78 25.71 11.34
CA LYS A 108 9.15 25.60 11.76
C LYS A 108 9.36 24.45 12.73
N ILE A 109 10.64 24.16 12.96
CA ILE A 109 11.03 23.01 13.80
C ILE A 109 10.31 23.04 15.13
N ASN A 110 9.77 21.88 15.48
CA ASN A 110 9.00 21.66 16.72
C ASN A 110 7.53 22.06 16.63
N ASP A 111 7.12 22.78 15.58
CA ASP A 111 5.67 23.04 15.39
C ASP A 111 4.95 21.72 15.27
N LEU A 112 3.75 21.68 15.84
CA LEU A 112 2.89 20.50 15.70
C LEU A 112 1.78 20.79 14.68
N LEU A 113 1.56 19.86 13.79
CA LEU A 113 0.69 19.98 12.66
C LEU A 113 -0.30 18.81 12.63
N VAL A 114 -1.57 19.12 12.49
CA VAL A 114 -2.61 18.10 12.20
C VAL A 114 -2.91 18.15 10.71
N ALA A 115 -2.90 17.00 10.10
CA ALA A 115 -3.15 16.89 8.66
C ALA A 115 -4.65 16.91 8.39
N ILE A 116 -5.15 18.00 7.89
CA ILE A 116 -6.56 18.06 7.53
C ILE A 116 -6.92 17.29 6.26
N GLN A 117 -5.99 17.27 5.31
CA GLN A 117 -6.07 16.44 4.13
C GLN A 117 -4.64 15.96 3.84
N LEU A 118 -4.59 14.87 3.08
CA LEU A 118 -3.32 14.35 2.61
C LEU A 118 -3.41 14.01 1.13
N VAL A 119 -2.24 13.83 0.50
CA VAL A 119 -2.18 13.49 -0.90
C VAL A 119 -1.01 12.57 -1.16
N GLN A 120 -1.19 11.68 -2.10
CA GLN A 120 -0.08 10.84 -2.66
C GLN A 120 0.60 11.59 -3.80
N HIS A 121 1.70 12.30 -3.49
CA HIS A 121 2.25 13.26 -4.36
C HIS A 121 2.96 12.71 -5.59
N ASP A 122 3.29 11.42 -5.53
CA ASP A 122 4.00 10.75 -6.59
C ASP A 122 3.13 10.00 -7.54
N VAL A 123 1.80 10.15 -7.40
CA VAL A 123 0.86 9.43 -8.31
C VAL A 123 0.75 10.29 -9.58
N ASP A 124 1.00 9.68 -10.73
CA ASP A 124 0.99 10.37 -12.04
C ASP A 124 0.39 9.47 -13.14
N LEU A 125 -0.89 9.78 -13.43
CA LEU A 125 -1.60 9.23 -14.57
C LEU A 125 -1.88 10.34 -15.56
N SER A 126 -1.02 11.36 -15.61
CA SER A 126 -1.20 12.49 -16.58
C SER A 126 -1.10 12.05 -18.04
N ALA A 127 -0.53 10.86 -18.31
CA ALA A 127 -0.57 10.30 -19.69
C ALA A 127 -2.01 10.09 -20.22
N PHE A 128 -2.98 9.86 -19.31
CA PHE A 128 -4.37 9.80 -19.68
C PHE A 128 -5.12 11.09 -19.39
N ASP A 129 -4.40 12.22 -19.25
CA ASP A 129 -4.92 13.59 -19.04
C ASP A 129 -5.55 13.79 -17.64
N HIS A 130 -5.34 12.86 -16.73
CA HIS A 130 -5.81 12.99 -15.32
C HIS A 130 -4.95 14.04 -14.61
N PRO A 131 -5.53 14.78 -13.66
CA PRO A 131 -4.70 15.65 -12.87
C PRO A 131 -3.70 14.79 -12.04
N LEU A 132 -2.54 15.37 -11.76
CA LEU A 132 -1.58 14.71 -10.89
C LEU A 132 -2.20 14.38 -9.52
N GLY A 133 -1.79 13.25 -8.94
CA GLY A 133 -2.32 12.85 -7.62
C GLY A 133 -3.55 11.99 -7.69
N PHE A 134 -4.20 11.96 -8.84
CA PHE A 134 -5.45 11.26 -9.06
C PHE A 134 -5.30 9.87 -9.60
N ILE A 135 -6.06 8.96 -8.98
CA ILE A 135 -6.30 7.63 -9.49
C ILE A 135 -7.80 7.42 -9.77
N PRO A 136 -8.14 6.82 -10.90
CA PRO A 136 -9.58 6.48 -11.15
C PRO A 136 -10.24 5.74 -10.00
N GLU A 137 -11.51 6.08 -9.77
CA GLU A 137 -12.32 5.51 -8.67
C GLU A 137 -11.81 5.98 -7.34
N SER A 138 -10.99 7.02 -7.33
CA SER A 138 -10.55 7.63 -6.12
C SER A 138 -10.63 9.19 -6.22
N ALA A 139 -9.82 9.88 -5.48
CA ALA A 139 -9.77 11.31 -5.37
C ALA A 139 -8.38 11.78 -4.99
N ILE A 140 -8.07 13.03 -5.32
CA ILE A 140 -6.71 13.52 -5.07
C ILE A 140 -6.42 13.63 -3.58
N PHE A 141 -7.38 14.19 -2.83
CA PHE A 141 -7.12 14.48 -1.44
C PHE A 141 -7.90 13.46 -0.58
N ILE A 142 -7.23 13.01 0.45
CA ILE A 142 -7.73 12.13 1.46
C ILE A 142 -8.12 12.93 2.70
N GLU A 143 -9.32 12.65 3.20
CA GLU A 143 -9.85 13.32 4.37
C GLU A 143 -9.54 12.51 5.61
N THR A 144 -9.36 13.20 6.71
CA THR A 144 -9.12 12.62 8.05
C THR A 144 -10.36 12.94 8.87
N SER A 145 -10.41 12.43 10.07
CA SER A 145 -11.57 12.52 10.94
C SER A 145 -11.85 13.88 11.53
N GLU A 146 -13.06 14.41 11.25
CA GLU A 146 -13.45 15.73 11.81
C GLU A 146 -13.42 15.64 13.32
N SER A 147 -13.96 14.56 13.88
CA SER A 147 -14.05 14.52 15.32
C SER A 147 -12.67 14.34 16.00
N LEU A 148 -11.83 13.51 15.44
CA LEU A 148 -10.48 13.29 16.03
C LEU A 148 -9.66 14.57 15.87
N ASN A 149 -9.78 15.27 14.75
CA ASN A 149 -9.00 16.50 14.58
C ASN A 149 -9.47 17.51 15.57
N ALA A 150 -10.81 17.56 15.82
CA ALA A 150 -11.34 18.50 16.79
C ALA A 150 -10.84 18.17 18.17
N LEU A 151 -10.75 16.89 18.46
CA LEU A 151 -10.19 16.43 19.74
C LEU A 151 -8.71 16.85 19.88
N ALA A 152 -7.97 16.71 18.80
CA ALA A 152 -6.54 17.12 18.83
C ALA A 152 -6.47 18.60 19.16
N LYS A 153 -7.36 19.42 18.58
CA LYS A 153 -7.40 20.86 18.90
C LYS A 153 -7.74 21.13 20.37
N GLU A 154 -8.69 20.38 20.90
CA GLU A 154 -9.06 20.56 22.29
C GLU A 154 -7.91 20.19 23.24
N VAL A 155 -7.25 19.08 22.96
CA VAL A 155 -6.10 18.60 23.74
C VAL A 155 -4.97 19.64 23.64
N ALA A 156 -4.69 20.09 22.43
CA ALA A 156 -3.63 21.12 22.29
C ALA A 156 -4.01 22.34 23.09
N ASN A 157 -5.27 22.79 23.09
CA ASN A 157 -5.64 23.92 23.94
CA ASN A 157 -5.65 23.92 23.93
C ASN A 157 -5.46 23.68 25.43
N GLU A 158 -5.89 22.54 25.87
CA GLU A 158 -5.78 22.17 27.25
C GLU A 158 -4.32 22.03 27.72
N GLN A 159 -3.46 21.51 26.83
CA GLN A 159 -2.04 21.30 27.15
C GLN A 159 -1.19 22.52 26.79
N HIS A 160 -1.81 23.60 26.28
CA HIS A 160 -1.10 24.82 25.96
C HIS A 160 -0.01 24.53 24.94
N ILE A 161 -0.41 23.87 23.90
CA ILE A 161 0.45 23.61 22.71
C ILE A 161 -0.18 24.19 21.47
N VAL A 162 0.54 25.03 20.74
CA VAL A 162 -0.02 25.53 19.49
C VAL A 162 -0.17 24.41 18.47
N LEU A 163 -1.37 24.31 17.86
CA LEU A 163 -1.62 23.29 16.88
C LEU A 163 -1.94 23.96 15.54
N LYS A 164 -1.12 23.68 14.53
CA LYS A 164 -1.33 24.21 13.18
C LYS A 164 -2.02 23.14 12.34
N GLU A 165 -2.66 23.60 11.25
CA GLU A 165 -3.39 22.71 10.37
C GLU A 165 -2.80 22.84 9.02
N GLY A 166 -2.81 21.72 8.31
CA GLY A 166 -2.39 21.79 6.91
C GLY A 166 -2.52 20.51 6.14
N VAL A 167 -2.03 20.53 4.91
CA VAL A 167 -2.08 19.40 3.98
C VAL A 167 -0.72 18.72 4.02
N ILE A 168 -0.72 17.42 4.23
CA ILE A 168 0.55 16.62 4.16
C ILE A 168 0.62 15.83 2.88
N ALA A 169 1.73 16.00 2.15
CA ALA A 169 2.05 15.20 0.94
C ALA A 169 2.95 14.01 1.30
N SER A 170 2.60 12.81 0.82
CA SER A 170 3.43 11.64 1.04
C SER A 170 3.73 10.96 -0.30
N GLY A 171 4.95 10.40 -0.39
CA GLY A 171 5.39 9.70 -1.56
C GLY A 171 6.59 8.83 -1.21
N ASP A 172 6.91 7.88 -2.10
CA ASP A 172 7.96 6.87 -1.87
C ASP A 172 9.35 7.35 -2.30
N GLN A 173 9.59 8.67 -2.21
CA GLN A 173 10.90 9.28 -2.41
C GLN A 173 11.12 10.29 -1.30
N PHE A 174 12.37 10.52 -0.93
CA PHE A 174 12.70 11.59 -0.03
C PHE A 174 12.71 12.85 -0.91
N VAL A 175 11.95 13.86 -0.50
CA VAL A 175 11.87 15.13 -1.20
C VAL A 175 12.85 16.16 -0.56
N HIS A 176 13.83 16.54 -1.34
CA HIS A 176 14.92 17.44 -0.94
C HIS A 176 15.13 18.63 -1.87
N SER A 177 14.80 18.54 -3.16
CA SER A 177 15.09 19.62 -4.09
C SER A 177 14.12 20.77 -4.01
N LYS A 178 14.62 21.94 -4.39
CA LYS A 178 13.86 23.18 -4.37
C LYS A 178 12.69 22.94 -5.36
N GLU A 179 12.97 22.33 -6.52
CA GLU A 179 11.97 22.17 -7.58
C GLU A 179 10.86 21.25 -7.10
N ARG A 180 11.23 20.13 -6.47
CA ARG A 180 10.18 19.21 -6.06
C ARG A 180 9.33 19.79 -4.89
N LYS A 181 9.98 20.46 -3.93
CA LYS A 181 9.24 21.13 -2.85
C LYS A 181 8.31 22.22 -3.38
N GLU A 182 8.78 22.97 -4.35
CA GLU A 182 7.94 24.03 -5.00
C GLU A 182 6.72 23.39 -5.72
N PHE A 183 6.91 22.23 -6.34
CA PHE A 183 5.84 21.46 -7.01
C PHE A 183 4.81 21.01 -5.97
N LEU A 184 5.26 20.52 -4.83
CA LEU A 184 4.27 20.11 -3.82
C LEU A 184 3.39 21.27 -3.38
N VAL A 185 4.00 22.44 -3.20
CA VAL A 185 3.23 23.63 -2.78
C VAL A 185 2.32 24.13 -3.95
N SER A 186 2.82 24.25 -5.17
CA SER A 186 1.98 24.73 -6.29
C SER A 186 0.89 23.77 -6.63
N GLU A 187 1.22 22.48 -6.70
CA GLU A 187 0.26 21.52 -7.19
C GLU A 187 -0.82 21.19 -6.16
N PHE A 188 -0.44 20.98 -4.90
CA PHE A 188 -1.30 20.43 -3.89
C PHE A 188 -1.54 21.34 -2.68
N LYS A 189 -0.90 22.49 -2.67
CA LYS A 189 -0.93 23.38 -1.48
C LYS A 189 -0.50 22.65 -0.21
N ALA A 190 0.50 21.77 -0.37
CA ALA A 190 1.01 21.04 0.75
C ALA A 190 1.79 21.93 1.71
N SER A 191 1.71 21.62 3.01
CA SER A 191 2.46 22.30 4.04
C SER A 191 3.72 21.60 4.53
N ALA A 192 3.64 20.27 4.42
CA ALA A 192 4.75 19.40 4.92
C ALA A 192 4.76 18.11 4.13
N VAL A 193 5.86 17.36 4.24
CA VAL A 193 6.06 16.15 3.44
C VAL A 193 6.72 15.03 4.20
N GLU A 194 6.26 13.83 3.94
CA GLU A 194 6.84 12.61 4.55
C GLU A 194 6.49 11.44 3.64
N MET A 195 6.60 10.17 4.12
CA MET A 195 6.37 9.04 3.24
C MET A 195 5.19 8.14 3.58
N GLU A 196 4.60 8.21 4.79
CA GLU A 196 3.62 7.21 5.12
C GLU A 196 2.24 7.77 5.50
N GLY A 197 2.11 9.07 5.74
CA GLY A 197 0.80 9.54 6.20
C GLY A 197 -0.40 9.27 5.32
N ALA A 198 -0.27 9.60 4.04
CA ALA A 198 -1.40 9.55 3.13
C ALA A 198 -1.91 8.13 3.06
N SER A 199 -1.01 7.15 2.93
CA SER A 199 -1.46 5.79 2.73
C SER A 199 -2.29 5.31 3.97
N VAL A 200 -1.80 5.63 5.16
CA VAL A 200 -2.48 5.25 6.38
C VAL A 200 -3.89 5.90 6.43
N ALA A 201 -3.96 7.21 6.26
CA ALA A 201 -5.23 7.89 6.22
C ALA A 201 -6.18 7.32 5.13
N PHE A 202 -5.61 6.95 3.97
CA PHE A 202 -6.35 6.36 2.91
C PHE A 202 -7.00 5.06 3.34
N VAL A 203 -6.20 4.16 3.87
CA VAL A 203 -6.77 2.89 4.36
C VAL A 203 -7.91 3.06 5.38
N CYS A 204 -7.66 3.93 6.35
CA CYS A 204 -8.64 4.16 7.39
C CYS A 204 -9.95 4.62 6.78
N GLN A 205 -9.88 5.59 5.90
CA GLN A 205 -11.06 6.13 5.26
C GLN A 205 -11.86 5.00 4.51
N LYS A 206 -11.14 4.14 3.79
CA LYS A 206 -11.75 3.03 3.09
C LYS A 206 -12.50 2.07 3.99
N PHE A 207 -12.04 1.92 5.24
CA PHE A 207 -12.69 1.01 6.20
C PHE A 207 -13.64 1.73 7.16
N GLY A 208 -13.85 3.03 6.98
CA GLY A 208 -14.76 3.79 7.88
C GLY A 208 -14.21 3.98 9.27
N VAL A 209 -12.89 3.95 9.39
CA VAL A 209 -12.15 4.09 10.66
C VAL A 209 -11.66 5.54 10.77
N PRO A 210 -12.17 6.29 11.73
CA PRO A 210 -11.59 7.64 11.99
C PRO A 210 -10.07 7.60 12.23
N CYS A 211 -9.38 8.47 11.48
CA CYS A 211 -7.92 8.63 11.57
C CYS A 211 -7.56 10.09 11.80
N CYS A 212 -6.56 10.27 12.65
CA CYS A 212 -5.90 11.55 12.88
C CYS A 212 -4.40 11.36 12.63
N VAL A 213 -3.85 12.25 11.81
CA VAL A 213 -2.44 12.21 11.43
C VAL A 213 -1.82 13.52 11.94
N LEU A 214 -0.88 13.33 12.88
CA LEU A 214 -0.13 14.41 13.52
C LEU A 214 1.36 14.33 13.12
N ARG A 215 1.92 15.48 12.79
CA ARG A 215 3.34 15.55 12.52
C ARG A 215 3.96 16.71 13.26
N SER A 216 5.10 16.47 13.91
CA SER A 216 5.91 17.60 14.34
C SER A 216 7.01 17.86 13.30
N ILE A 217 7.36 19.10 13.15
CA ILE A 217 8.24 19.52 12.06
C ILE A 217 9.69 19.24 12.51
N SER A 218 10.42 18.50 11.68
CA SER A 218 11.84 18.19 11.96
C SER A 218 12.86 18.91 11.06
N ALA A 219 12.40 19.66 10.08
CA ALA A 219 13.29 20.41 9.19
C ALA A 219 12.53 21.62 8.73
N ASN A 220 13.19 22.77 8.70
CA ASN A 220 12.58 23.97 8.13
C ASN A 220 12.48 23.89 6.62
N ALA A 221 11.73 24.80 6.02
CA ALA A 221 11.43 24.69 4.60
C ALA A 221 12.71 24.82 3.72
N ASP A 222 13.73 25.48 4.20
CA ASP A 222 14.99 25.56 3.43
C ASP A 222 16.03 24.46 3.79
N GLU A 223 15.62 23.40 4.47
CA GLU A 223 16.54 22.36 4.89
C GLU A 223 16.11 20.95 4.43
N GLU A 224 17.04 19.98 4.47
CA GLU A 224 16.75 18.60 4.02
C GLU A 224 16.49 17.62 5.18
N ASP A 230 18.26 10.32 16.21
CA ASP A 230 19.10 11.37 16.78
C ASP A 230 18.45 11.91 18.05
N ALA A 231 19.17 12.74 18.81
CA ALA A 231 18.70 13.22 20.13
C ALA A 231 17.44 14.06 20.02
N PHE A 232 17.35 14.80 18.92
CA PHE A 232 16.21 15.65 18.69
C PHE A 232 14.94 14.83 18.40
N LEU A 233 15.04 13.79 17.54
CA LEU A 233 13.93 12.85 17.31
C LEU A 233 13.58 12.08 18.58
N GLU A 234 14.53 11.85 19.50
CA GLU A 234 14.18 11.22 20.80
C GLU A 234 13.24 12.15 21.61
N LYS A 235 13.55 13.44 21.71
CA LYS A 235 12.68 14.42 22.36
C LYS A 235 11.32 14.52 21.64
N SER A 236 11.31 14.60 20.31
CA SER A 236 10.04 14.68 19.58
C SER A 236 9.20 13.45 19.81
N ALA A 237 9.85 12.29 19.85
CA ALA A 237 9.11 11.04 20.06
C ALA A 237 8.47 11.01 21.48
N GLN A 238 9.14 11.58 22.47
CA GLN A 238 8.59 11.68 23.86
C GLN A 238 7.40 12.66 23.84
N THR A 239 7.59 13.79 23.21
CA THR A 239 6.52 14.83 23.15
C THR A 239 5.29 14.26 22.47
N SER A 240 5.52 13.57 21.38
CA SER A 240 4.41 12.93 20.67
C SER A 240 3.69 11.87 21.46
N ALA A 241 4.43 11.00 22.12
CA ALA A 241 3.82 10.03 23.01
C ALA A 241 2.91 10.68 24.07
N LYS A 242 3.35 11.79 24.66
CA LYS A 242 2.55 12.55 25.62
C LYS A 242 1.25 13.03 24.95
N PHE A 243 1.35 13.53 23.73
CA PHE A 243 0.17 14.08 23.07
C PHE A 243 -0.82 12.95 22.74
N LEU A 244 -0.28 11.86 22.22
CA LEU A 244 -1.13 10.70 21.98
C LEU A 244 -1.86 10.19 23.23
N LYS A 245 -1.16 10.08 24.34
CA LYS A 245 -1.78 9.67 25.60
C LYS A 245 -2.86 10.68 26.02
N SER A 246 -2.56 11.97 25.94
CA SER A 246 -3.58 12.95 26.31
CA SER A 246 -3.52 13.05 26.22
C SER A 246 -4.82 12.83 25.39
N MET A 247 -4.65 12.49 24.10
CA MET A 247 -5.85 12.12 23.22
C MET A 247 -6.60 10.91 23.72
N VAL A 248 -5.89 9.82 23.96
CA VAL A 248 -6.52 8.59 24.40
C VAL A 248 -7.23 8.80 25.73
N ASP A 249 -6.68 9.67 26.60
CA ASP A 249 -7.29 9.95 27.94
C ASP A 249 -8.63 10.64 27.80
N GLU A 250 -8.94 11.15 26.61
CA GLU A 250 -10.17 11.84 26.38
C GLU A 250 -11.17 10.93 25.68
N LEU A 251 -10.73 9.79 25.13
CA LEU A 251 -11.61 8.89 24.37
C LEU A 251 -12.39 7.94 25.30
N VAL B 22 -9.94 -27.34 3.23
CA VAL B 22 -10.65 -26.51 2.19
C VAL B 22 -9.67 -25.52 1.56
N GLN B 23 -9.32 -25.78 0.30
CA GLN B 23 -8.42 -24.93 -0.45
C GLN B 23 -9.10 -23.58 -0.79
N LYS B 24 -8.38 -22.50 -0.51
CA LYS B 24 -8.88 -21.15 -0.78
C LYS B 24 -7.91 -20.41 -1.68
N ILE B 25 -8.38 -20.00 -2.84
CA ILE B 25 -7.57 -19.37 -3.85
C ILE B 25 -8.10 -17.95 -4.18
N GLY B 26 -7.20 -16.96 -4.17
CA GLY B 26 -7.53 -15.61 -4.53
C GLY B 26 -7.17 -15.35 -5.97
N ILE B 27 -8.10 -14.73 -6.70
CA ILE B 27 -7.87 -14.32 -8.12
C ILE B 27 -8.06 -12.82 -8.20
N LEU B 28 -7.00 -12.10 -8.55
CA LEU B 28 -7.03 -10.66 -8.65
C LEU B 28 -6.86 -10.22 -10.05
N GLY B 29 -7.59 -9.15 -10.36
CA GLY B 29 -7.46 -8.45 -11.69
C GLY B 29 -7.19 -6.98 -11.30
N ALA B 30 -6.52 -6.20 -12.18
CA ALA B 30 -6.37 -4.79 -11.81
C ALA B 30 -7.71 -3.95 -11.88
N MET B 31 -8.44 -4.18 -12.95
CA MET B 31 -9.56 -3.37 -13.29
C MET B 31 -10.79 -4.28 -13.52
N ARG B 32 -11.92 -3.63 -13.33
CA ARG B 32 -13.21 -4.27 -13.33
C ARG B 32 -13.45 -5.16 -14.57
N GLU B 33 -13.11 -4.69 -15.76
CA GLU B 33 -13.43 -5.44 -16.98
C GLU B 33 -12.73 -6.80 -17.11
N GLU B 34 -11.70 -7.02 -16.32
CA GLU B 34 -11.01 -8.30 -16.31
C GLU B 34 -11.73 -9.34 -15.46
N ILE B 35 -12.47 -8.87 -14.46
CA ILE B 35 -13.23 -9.74 -13.49
C ILE B 35 -14.43 -10.43 -14.10
N THR B 36 -15.23 -9.65 -14.80
CA THR B 36 -16.37 -10.11 -15.43
C THR B 36 -16.23 -11.48 -16.15
N PRO B 37 -15.31 -11.57 -17.09
CA PRO B 37 -15.09 -12.85 -17.74
C PRO B 37 -14.61 -14.01 -16.86
N ILE B 38 -13.90 -13.68 -15.81
CA ILE B 38 -13.46 -14.71 -14.86
C ILE B 38 -14.69 -15.28 -14.13
N LEU B 39 -15.53 -14.38 -13.58
CA LEU B 39 -16.75 -14.84 -12.94
C LEU B 39 -17.63 -15.68 -13.83
N GLU B 40 -17.80 -15.25 -15.08
CA GLU B 40 -18.62 -16.00 -16.00
C GLU B 40 -18.06 -17.36 -16.35
N LEU B 41 -16.75 -17.44 -16.53
CA LEU B 41 -16.15 -18.71 -16.99
C LEU B 41 -16.16 -19.76 -15.89
N PHE B 42 -15.84 -19.35 -14.65
CA PHE B 42 -15.92 -20.32 -13.53
C PHE B 42 -17.34 -20.85 -13.35
N GLY B 43 -18.34 -20.03 -13.67
CA GLY B 43 -19.69 -20.48 -13.77
C GLY B 43 -20.49 -20.68 -12.50
N VAL B 44 -19.86 -20.53 -11.35
CA VAL B 44 -20.54 -20.87 -10.11
C VAL B 44 -21.23 -19.60 -9.60
N ASP B 45 -22.07 -19.78 -8.58
CA ASP B 45 -22.74 -18.63 -7.93
C ASP B 45 -21.82 -17.93 -7.03
N PHE B 46 -21.60 -16.64 -7.27
CA PHE B 46 -20.69 -15.86 -6.42
C PHE B 46 -21.49 -14.93 -5.54
N GLU B 47 -21.14 -14.91 -4.27
CA GLU B 47 -21.65 -13.99 -3.31
C GLU B 47 -20.79 -12.73 -3.29
N GLU B 48 -21.41 -11.57 -3.30
CA GLU B 48 -20.70 -10.31 -3.31
C GLU B 48 -20.61 -9.86 -1.86
N ILE B 49 -19.37 -9.58 -1.44
CA ILE B 49 -19.05 -9.17 -0.09
C ILE B 49 -18.23 -7.87 -0.14
N PRO B 50 -18.82 -6.76 0.26
CA PRO B 50 -18.06 -5.53 0.27
C PRO B 50 -17.14 -5.44 1.50
N LEU B 51 -15.96 -4.90 1.27
CA LEU B 51 -15.05 -4.73 2.40
C LEU B 51 -13.94 -3.71 1.99
N GLY B 52 -13.72 -2.64 2.76
CA GLY B 52 -12.57 -1.72 2.53
C GLY B 52 -12.62 -1.02 1.17
N GLY B 53 -13.85 -0.85 0.68
CA GLY B 53 -14.12 -0.20 -0.62
C GLY B 53 -13.92 -1.10 -1.80
N ASN B 54 -13.69 -2.37 -1.56
CA ASN B 54 -13.64 -3.37 -2.64
C ASN B 54 -14.84 -4.31 -2.61
N VAL B 55 -15.14 -4.98 -3.72
CA VAL B 55 -16.20 -5.99 -3.69
C VAL B 55 -15.50 -7.33 -3.99
N PHE B 56 -15.67 -8.30 -3.12
CA PHE B 56 -15.08 -9.59 -3.27
C PHE B 56 -16.18 -10.54 -3.67
N HIS B 57 -15.89 -11.37 -4.61
CA HIS B 57 -16.82 -12.33 -5.12
C HIS B 57 -16.37 -13.72 -4.65
N LYS B 58 -17.20 -14.36 -3.85
CA LYS B 58 -16.85 -15.62 -3.21
C LYS B 58 -17.73 -16.76 -3.75
N GLY B 59 -17.03 -17.79 -4.24
CA GLY B 59 -17.69 -18.91 -4.88
C GLY B 59 -17.00 -20.21 -4.50
N VAL B 60 -17.72 -21.31 -4.70
CA VAL B 60 -17.12 -22.63 -4.48
C VAL B 60 -17.11 -23.35 -5.80
N TYR B 61 -15.92 -23.78 -6.22
CA TYR B 61 -15.70 -24.40 -7.54
C TYR B 61 -14.93 -25.71 -7.31
N HIS B 62 -15.55 -26.82 -7.59
CA HIS B 62 -14.96 -28.12 -7.37
C HIS B 62 -14.19 -28.23 -6.03
N ASN B 63 -14.90 -27.92 -4.95
CA ASN B 63 -14.39 -27.99 -3.56
C ASN B 63 -13.21 -27.08 -3.27
N LYS B 64 -13.11 -25.98 -4.02
CA LYS B 64 -12.12 -24.96 -3.73
C LYS B 64 -12.88 -23.69 -3.56
N GLU B 65 -12.57 -22.90 -2.54
CA GLU B 65 -13.19 -21.58 -2.42
C GLU B 65 -12.40 -20.61 -3.32
N ILE B 66 -13.09 -19.89 -4.18
CA ILE B 66 -12.48 -18.95 -5.13
C ILE B 66 -12.95 -17.56 -4.70
N ILE B 67 -12.01 -16.66 -4.46
CA ILE B 67 -12.30 -15.26 -4.04
C ILE B 67 -11.75 -14.39 -5.15
N VAL B 68 -12.61 -13.63 -5.82
CA VAL B 68 -12.23 -12.83 -7.02
C VAL B 68 -12.51 -11.34 -6.76
N ALA B 69 -11.54 -10.48 -7.06
CA ALA B 69 -11.75 -9.07 -6.91
C ALA B 69 -10.89 -8.24 -7.88
N TYR B 70 -11.29 -7.04 -8.22
CA TYR B 70 -10.35 -6.09 -8.85
C TYR B 70 -9.73 -5.21 -7.73
N SER B 71 -8.38 -4.97 -7.76
CA SER B 71 -7.57 -4.02 -6.86
C SER B 71 -8.03 -2.54 -6.87
N LYS B 72 -8.24 -2.14 -8.11
CA LYS B 72 -8.18 -0.76 -8.43
C LYS B 72 -6.70 -0.48 -8.62
N ILE B 73 -6.37 0.70 -9.12
CA ILE B 73 -5.08 0.96 -9.71
C ILE B 73 -4.05 1.41 -8.66
N GLY B 74 -2.83 0.95 -8.82
CA GLY B 74 -1.71 1.48 -8.02
C GLY B 74 -1.44 0.73 -6.77
N LYS B 75 -0.35 1.14 -6.12
CA LYS B 75 0.26 0.34 -5.05
C LYS B 75 -0.60 0.31 -3.79
N VAL B 76 -1.13 1.42 -3.37
CA VAL B 76 -1.97 1.45 -2.13
C VAL B 76 -3.21 0.55 -2.33
N HIS B 77 -3.89 0.80 -3.45
CA HIS B 77 -5.10 0.03 -3.68
C HIS B 77 -4.84 -1.45 -3.69
N SER B 78 -3.82 -1.89 -4.44
CA SER B 78 -3.53 -3.30 -4.64
C SER B 78 -2.98 -3.98 -3.36
N THR B 79 -2.24 -3.21 -2.53
CA THR B 79 -1.77 -3.73 -1.28
C THR B 79 -2.96 -3.97 -0.33
N LEU B 80 -3.86 -3.02 -0.31
CA LEU B 80 -5.09 -3.07 0.54
C LEU B 80 -5.90 -4.30 0.17
N THR B 81 -6.18 -4.44 -1.11
CA THR B 81 -7.02 -5.55 -1.56
C THR B 81 -6.37 -6.89 -1.25
N THR B 82 -5.07 -7.06 -1.52
CA THR B 82 -4.41 -8.30 -1.31
C THR B 82 -4.42 -8.69 0.20
N THR B 83 -4.11 -7.73 1.05
CA THR B 83 -4.12 -7.95 2.47
C THR B 83 -5.52 -8.38 2.94
N SER B 84 -6.57 -7.73 2.45
CA SER B 84 -7.92 -8.16 2.76
C SER B 84 -8.21 -9.58 2.32
N MET B 85 -7.79 -9.92 1.08
CA MET B 85 -7.94 -11.29 0.62
C MET B 85 -7.37 -12.34 1.58
N ILE B 86 -6.15 -12.05 2.05
CA ILE B 86 -5.44 -12.96 2.92
C ILE B 86 -6.06 -13.00 4.34
N LEU B 87 -6.21 -11.83 4.96
CA LEU B 87 -6.66 -11.75 6.36
C LEU B 87 -8.14 -11.95 6.50
N ALA B 88 -8.97 -11.42 5.62
CA ALA B 88 -10.42 -11.55 5.80
C ALA B 88 -11.06 -12.79 5.20
N PHE B 89 -10.43 -13.30 4.16
CA PHE B 89 -10.95 -14.43 3.44
C PHE B 89 -10.08 -15.66 3.52
N GLY B 90 -8.90 -15.56 4.07
CA GLY B 90 -8.06 -16.75 4.29
C GLY B 90 -7.43 -17.36 3.08
N VAL B 91 -7.31 -16.58 2.02
CA VAL B 91 -6.78 -17.16 0.77
C VAL B 91 -5.36 -17.66 1.07
N GLN B 92 -5.06 -18.77 0.42
CA GLN B 92 -3.81 -19.53 0.64
C GLN B 92 -2.80 -19.38 -0.50
N LYS B 93 -3.32 -18.96 -1.64
CA LYS B 93 -2.56 -18.80 -2.89
C LYS B 93 -3.24 -17.67 -3.65
N VAL B 94 -2.44 -16.86 -4.33
CA VAL B 94 -2.98 -15.72 -5.15
C VAL B 94 -2.53 -15.83 -6.61
N LEU B 95 -3.47 -15.70 -7.54
CA LEU B 95 -3.18 -15.60 -8.98
C LEU B 95 -3.61 -14.17 -9.41
N PHE B 96 -2.66 -13.41 -9.93
CA PHE B 96 -2.94 -12.03 -10.35
C PHE B 96 -2.71 -11.92 -11.84
N SER B 97 -3.75 -11.58 -12.54
CA SER B 97 -3.75 -11.36 -13.99
CA SER B 97 -3.71 -11.36 -13.99
C SER B 97 -3.94 -9.88 -14.34
N GLY B 98 -3.35 -9.46 -15.44
CA GLY B 98 -3.50 -8.07 -15.89
C GLY B 98 -2.74 -7.88 -17.21
N VAL B 99 -2.67 -6.62 -17.61
CA VAL B 99 -1.87 -6.23 -18.80
C VAL B 99 -0.68 -5.41 -18.38
N ALA B 100 0.31 -5.33 -19.28
CA ALA B 100 1.52 -4.57 -18.99
C ALA B 100 2.09 -4.08 -20.28
N GLY B 101 2.90 -3.02 -20.19
CA GLY B 101 3.55 -2.46 -21.35
C GLY B 101 4.95 -3.06 -21.51
N SER B 102 5.35 -3.34 -22.72
CA SER B 102 6.64 -3.98 -22.93
C SER B 102 7.75 -2.96 -22.83
N LEU B 103 8.92 -3.41 -22.36
CA LEU B 103 10.15 -2.57 -22.40
C LEU B 103 11.21 -3.12 -23.26
N VAL B 104 10.93 -4.22 -23.97
CA VAL B 104 11.96 -4.92 -24.79
C VAL B 104 11.32 -5.41 -26.11
N LYS B 105 12.10 -5.47 -27.16
CA LYS B 105 11.55 -5.69 -28.51
C LYS B 105 10.97 -7.08 -28.67
N ASP B 106 11.44 -8.06 -27.88
CA ASP B 106 10.93 -9.42 -28.05
C ASP B 106 9.57 -9.71 -27.40
N LEU B 107 9.08 -8.81 -26.55
CA LEU B 107 7.77 -8.89 -25.96
C LEU B 107 6.82 -8.04 -26.77
N LYS B 108 5.94 -8.71 -27.47
CA LYS B 108 5.06 -8.03 -28.37
C LYS B 108 3.63 -8.21 -27.90
N ILE B 109 2.78 -7.42 -28.51
CA ILE B 109 1.36 -7.37 -28.18
C ILE B 109 0.72 -8.76 -28.11
N ASN B 110 -0.02 -8.99 -27.02
CA ASN B 110 -0.65 -10.28 -26.77
C ASN B 110 0.28 -11.40 -26.29
N ASP B 111 1.57 -11.16 -26.13
CA ASP B 111 2.45 -12.14 -25.48
C ASP B 111 2.08 -12.28 -24.02
N LEU B 112 2.26 -13.47 -23.48
CA LEU B 112 1.97 -13.76 -22.09
C LEU B 112 3.29 -13.91 -21.35
N LEU B 113 3.43 -13.23 -20.23
CA LEU B 113 4.63 -13.13 -19.43
C LEU B 113 4.30 -13.52 -18.00
N VAL B 114 5.13 -14.37 -17.41
CA VAL B 114 5.02 -14.65 -15.98
C VAL B 114 6.18 -13.89 -15.30
N ALA B 115 5.89 -13.20 -14.23
CA ALA B 115 6.90 -12.37 -13.54
C ALA B 115 7.69 -13.26 -12.58
N ILE B 116 8.97 -13.43 -12.82
CA ILE B 116 9.79 -14.21 -11.94
C ILE B 116 10.23 -13.36 -10.75
N GLN B 117 10.50 -12.07 -10.98
CA GLN B 117 10.75 -11.10 -9.93
C GLN B 117 10.05 -9.81 -10.28
N LEU B 118 9.72 -9.03 -9.25
CA LEU B 118 9.11 -7.73 -9.40
C LEU B 118 9.82 -6.68 -8.55
N VAL B 119 9.79 -5.44 -9.03
CA VAL B 119 10.40 -4.35 -8.31
CA VAL B 119 10.37 -4.32 -8.30
C VAL B 119 9.42 -3.16 -8.26
N GLN B 120 9.52 -2.36 -7.19
CA GLN B 120 8.81 -1.11 -7.06
C GLN B 120 9.78 -0.05 -7.65
N HIS B 121 9.60 0.32 -8.89
CA HIS B 121 10.61 1.13 -9.59
C HIS B 121 10.68 2.58 -9.18
N ASP B 122 9.64 3.05 -8.52
CA ASP B 122 9.57 4.44 -8.11
C ASP B 122 10.05 4.76 -6.71
N VAL B 123 10.57 3.75 -6.02
CA VAL B 123 11.06 3.92 -4.65
C VAL B 123 12.45 4.56 -4.74
N ASP B 124 12.66 5.66 -4.06
CA ASP B 124 13.96 6.33 -4.15
C ASP B 124 14.33 6.88 -2.78
N LEU B 125 15.16 6.10 -2.08
CA LEU B 125 15.80 6.53 -0.84
C LEU B 125 17.31 6.75 -1.04
N SER B 126 17.71 7.12 -2.27
CA SER B 126 19.09 7.36 -2.60
C SER B 126 19.70 8.51 -1.81
N ALA B 127 18.87 9.40 -1.28
CA ALA B 127 19.35 10.53 -0.45
C ALA B 127 20.08 10.00 0.75
N PHE B 128 19.77 8.76 1.15
CA PHE B 128 20.41 8.09 2.29
C PHE B 128 21.25 6.89 1.89
N ASP B 129 21.76 6.96 0.66
CA ASP B 129 22.64 5.97 0.07
C ASP B 129 22.11 4.59 -0.08
N HIS B 130 20.78 4.45 -0.15
CA HIS B 130 20.17 3.20 -0.51
C HIS B 130 20.11 3.05 -2.03
N PRO B 131 20.30 1.85 -2.54
CA PRO B 131 20.01 1.65 -3.98
C PRO B 131 18.56 1.96 -4.35
N LEU B 132 18.43 2.40 -5.58
CA LEU B 132 17.08 2.63 -6.09
C LEU B 132 16.25 1.35 -6.09
N GLY B 133 14.99 1.50 -5.65
CA GLY B 133 14.12 0.38 -5.51
C GLY B 133 14.15 -0.34 -4.14
N PHE B 134 15.17 -0.05 -3.34
CA PHE B 134 15.38 -0.71 -2.03
C PHE B 134 14.67 0.06 -0.93
N ILE B 135 14.00 -0.68 -0.06
CA ILE B 135 13.53 -0.17 1.23
C ILE B 135 14.10 -1.03 2.36
N PRO B 136 14.54 -0.38 3.43
CA PRO B 136 15.02 -1.17 4.57
C PRO B 136 13.97 -2.18 5.05
N GLU B 137 14.49 -3.36 5.46
CA GLU B 137 13.63 -4.52 5.80
C GLU B 137 12.99 -5.23 4.68
N SER B 138 13.38 -4.89 3.43
CA SER B 138 12.88 -5.54 2.26
C SER B 138 14.07 -5.87 1.34
N ALA B 139 13.76 -5.87 0.06
CA ALA B 139 14.72 -6.15 -1.02
C ALA B 139 14.29 -5.41 -2.22
N ILE B 140 15.21 -5.15 -3.13
CA ILE B 140 14.84 -4.54 -4.42
C ILE B 140 13.86 -5.46 -5.22
N PHE B 141 14.25 -6.72 -5.34
CA PHE B 141 13.45 -7.70 -6.05
C PHE B 141 12.61 -8.59 -5.14
N ILE B 142 11.33 -8.69 -5.45
CA ILE B 142 10.35 -9.60 -4.83
C ILE B 142 10.16 -10.85 -5.69
N GLU B 143 10.25 -12.01 -5.07
CA GLU B 143 10.11 -13.28 -5.73
C GLU B 143 8.63 -13.76 -5.71
N THR B 144 8.32 -14.68 -6.61
CA THR B 144 7.01 -15.27 -6.80
C THR B 144 7.17 -16.80 -6.68
N SER B 145 6.05 -17.50 -6.75
CA SER B 145 6.00 -18.92 -6.40
C SER B 145 6.62 -19.85 -7.44
N GLU B 146 7.59 -20.68 -7.04
CA GLU B 146 8.13 -21.68 -7.91
C GLU B 146 7.05 -22.57 -8.45
N SER B 147 6.22 -23.02 -7.56
CA SER B 147 5.20 -24.02 -7.93
CA SER B 147 5.27 -24.03 -8.03
C SER B 147 4.17 -23.44 -8.91
N LEU B 148 3.65 -22.29 -8.56
CA LEU B 148 2.62 -21.63 -9.39
C LEU B 148 3.20 -21.22 -10.72
N ASN B 149 4.42 -20.69 -10.73
CA ASN B 149 5.08 -20.39 -12.02
C ASN B 149 5.26 -21.63 -12.86
N ALA B 150 5.63 -22.76 -12.24
CA ALA B 150 5.82 -23.95 -12.99
C ALA B 150 4.48 -24.44 -13.52
N LEU B 151 3.42 -24.26 -12.73
CA LEU B 151 2.07 -24.64 -13.21
C LEU B 151 1.64 -23.82 -14.41
N ALA B 152 1.90 -22.52 -14.39
CA ALA B 152 1.65 -21.65 -15.54
C ALA B 152 2.40 -22.19 -16.75
N LYS B 153 3.67 -22.52 -16.56
CA LYS B 153 4.46 -23.06 -17.68
C LYS B 153 3.88 -24.40 -18.19
N GLU B 154 3.45 -25.24 -17.28
CA GLU B 154 2.90 -26.55 -17.67
C GLU B 154 1.60 -26.38 -18.49
N VAL B 155 0.69 -25.54 -18.00
CA VAL B 155 -0.57 -25.19 -18.72
C VAL B 155 -0.28 -24.67 -20.13
N ALA B 156 0.63 -23.71 -20.18
CA ALA B 156 1.04 -23.13 -21.42
C ALA B 156 1.64 -24.15 -22.37
N ASN B 157 2.52 -25.01 -21.88
CA ASN B 157 3.13 -26.02 -22.75
C ASN B 157 2.07 -26.98 -23.31
N GLU B 158 1.16 -27.40 -22.45
CA GLU B 158 0.12 -28.37 -22.84
C GLU B 158 -0.79 -27.81 -23.93
N GLN B 159 -1.12 -26.52 -23.80
CA GLN B 159 -1.97 -25.83 -24.77
C GLN B 159 -1.25 -25.15 -25.91
N HIS B 160 0.07 -25.32 -26.00
CA HIS B 160 0.88 -24.75 -27.09
C HIS B 160 0.75 -23.26 -27.10
N ILE B 161 0.75 -22.68 -25.92
CA ILE B 161 0.71 -21.24 -25.73
C ILE B 161 2.13 -20.87 -25.31
N VAL B 162 2.74 -19.90 -25.98
CA VAL B 162 4.08 -19.43 -25.57
C VAL B 162 4.01 -18.60 -24.29
N LEU B 163 4.81 -18.96 -23.31
CA LEU B 163 4.86 -18.23 -22.05
C LEU B 163 6.26 -17.73 -21.85
N LYS B 164 6.39 -16.41 -21.78
CA LYS B 164 7.68 -15.78 -21.55
C LYS B 164 7.82 -15.51 -20.07
N GLU B 165 9.07 -15.37 -19.63
CA GLU B 165 9.37 -15.13 -18.22
C GLU B 165 10.13 -13.82 -18.14
N GLY B 166 10.01 -13.11 -17.06
CA GLY B 166 10.85 -11.91 -16.89
C GLY B 166 10.58 -11.14 -15.63
N VAL B 167 11.28 -10.01 -15.52
CA VAL B 167 11.13 -9.08 -14.39
C VAL B 167 10.11 -8.01 -14.73
N ILE B 168 9.17 -7.75 -13.81
CA ILE B 168 8.14 -6.72 -13.93
C ILE B 168 8.45 -5.60 -12.99
N ALA B 169 8.48 -4.40 -13.52
CA ALA B 169 8.61 -3.16 -12.79
C ALA B 169 7.22 -2.53 -12.53
N SER B 170 6.94 -2.11 -11.30
CA SER B 170 5.67 -1.56 -10.93
C SER B 170 5.88 -0.22 -10.23
N GLY B 171 4.98 0.71 -10.46
CA GLY B 171 5.06 2.02 -9.81
C GLY B 171 3.76 2.77 -9.96
N ASP B 172 3.64 3.89 -9.25
CA ASP B 172 2.41 4.66 -9.21
C ASP B 172 2.37 5.78 -10.29
N GLN B 173 3.12 5.57 -11.40
CA GLN B 173 3.04 6.46 -12.54
C GLN B 173 2.86 5.58 -13.77
N PHE B 174 2.11 6.08 -14.73
CA PHE B 174 2.04 5.38 -16.00
C PHE B 174 3.25 5.83 -16.79
N VAL B 175 4.11 4.86 -17.16
CA VAL B 175 5.39 5.11 -17.81
C VAL B 175 5.20 5.14 -19.30
N HIS B 176 5.57 6.29 -19.86
CA HIS B 176 5.40 6.58 -21.30
C HIS B 176 6.70 7.07 -21.94
N SER B 177 7.65 7.66 -21.23
CA SER B 177 8.83 8.26 -21.87
C SER B 177 9.94 7.27 -22.21
N LYS B 178 10.70 7.60 -23.26
CA LYS B 178 11.91 6.85 -23.63
C LYS B 178 12.86 6.82 -22.44
N GLU B 179 13.04 7.95 -21.78
CA GLU B 179 14.00 8.05 -20.72
C GLU B 179 13.65 7.19 -19.53
N ARG B 180 12.39 7.19 -19.13
CA ARG B 180 12.01 6.34 -18.01
C ARG B 180 12.05 4.85 -18.38
N LYS B 181 11.54 4.50 -19.57
CA LYS B 181 11.64 3.11 -20.02
C LYS B 181 13.09 2.60 -20.06
N GLU B 182 14.01 3.43 -20.54
CA GLU B 182 15.40 3.01 -20.59
C GLU B 182 15.94 2.86 -19.16
N PHE B 183 15.55 3.74 -18.24
CA PHE B 183 15.92 3.59 -16.81
C PHE B 183 15.49 2.25 -16.21
N LEU B 184 14.26 1.83 -16.53
CA LEU B 184 13.77 0.55 -16.02
C LEU B 184 14.64 -0.61 -16.49
N VAL B 185 14.98 -0.58 -17.75
CA VAL B 185 15.84 -1.62 -18.31
C VAL B 185 17.25 -1.61 -17.71
N SER B 186 17.85 -0.45 -17.62
CA SER B 186 19.23 -0.31 -17.18
C SER B 186 19.37 -0.55 -15.69
N GLU B 187 18.45 -0.04 -14.91
CA GLU B 187 18.51 -0.18 -13.44
C GLU B 187 18.07 -1.54 -12.94
N PHE B 188 17.02 -2.11 -13.55
CA PHE B 188 16.36 -3.32 -12.99
C PHE B 188 16.30 -4.50 -13.92
N LYS B 189 16.72 -4.31 -15.18
CA LYS B 189 16.63 -5.32 -16.24
C LYS B 189 15.17 -5.76 -16.41
N ALA B 190 14.24 -4.82 -16.24
CA ALA B 190 12.83 -5.16 -16.38
C ALA B 190 12.44 -5.44 -17.81
N SER B 191 11.49 -6.33 -18.02
CA SER B 191 10.96 -6.66 -19.36
C SER B 191 9.62 -5.98 -19.64
N ALA B 192 8.88 -5.65 -18.57
CA ALA B 192 7.54 -5.03 -18.70
C ALA B 192 7.25 -4.16 -17.48
N VAL B 193 6.25 -3.27 -17.62
CA VAL B 193 5.95 -2.26 -16.62
C VAL B 193 4.45 -2.13 -16.43
N GLU B 194 4.08 -2.00 -15.17
CA GLU B 194 2.65 -1.80 -14.78
C GLU B 194 2.57 -1.14 -13.42
N MET B 195 1.37 -1.17 -12.81
CA MET B 195 1.18 -0.40 -11.59
C MET B 195 0.84 -1.16 -10.34
N GLU B 196 0.68 -2.47 -10.39
CA GLU B 196 0.25 -3.22 -9.21
C GLU B 196 1.00 -4.51 -8.85
N GLY B 197 1.77 -5.13 -9.79
CA GLY B 197 2.34 -6.40 -9.53
C GLY B 197 3.20 -6.47 -8.33
N ALA B 198 4.15 -5.54 -8.20
CA ALA B 198 5.13 -5.71 -7.16
C ALA B 198 4.48 -5.63 -5.74
N SER B 199 3.51 -4.75 -5.62
CA SER B 199 2.88 -4.55 -4.28
C SER B 199 2.10 -5.84 -3.91
N VAL B 200 1.42 -6.45 -4.86
CA VAL B 200 0.66 -7.72 -4.59
C VAL B 200 1.65 -8.81 -4.18
N ALA B 201 2.74 -9.00 -4.96
CA ALA B 201 3.72 -9.99 -4.65
C ALA B 201 4.38 -9.78 -3.33
N PHE B 202 4.60 -8.52 -2.98
CA PHE B 202 5.23 -8.17 -1.71
C PHE B 202 4.29 -8.60 -0.55
N VAL B 203 3.03 -8.25 -0.66
CA VAL B 203 2.07 -8.62 0.43
C VAL B 203 2.04 -10.15 0.60
N CYS B 204 1.93 -10.87 -0.54
CA CYS B 204 1.94 -12.33 -0.45
C CYS B 204 3.21 -12.88 0.25
N GLN B 205 4.39 -12.35 -0.11
CA GLN B 205 5.67 -12.75 0.49
C GLN B 205 5.65 -12.54 2.01
N LYS B 206 5.09 -11.40 2.45
CA LYS B 206 5.06 -11.07 3.88
C LYS B 206 4.21 -12.06 4.68
N PHE B 207 3.17 -12.58 4.05
CA PHE B 207 2.25 -13.57 4.67
C PHE B 207 2.60 -15.09 4.33
N GLY B 208 3.73 -15.31 3.62
CA GLY B 208 4.11 -16.65 3.18
C GLY B 208 3.09 -17.32 2.25
N VAL B 209 2.37 -16.53 1.47
CA VAL B 209 1.31 -16.99 0.52
C VAL B 209 1.92 -17.04 -0.89
N PRO B 210 1.89 -18.22 -1.49
CA PRO B 210 2.35 -18.28 -2.92
C PRO B 210 1.57 -17.35 -3.85
N CYS B 211 2.29 -16.67 -4.76
CA CYS B 211 1.76 -15.69 -5.67
C CYS B 211 2.31 -15.94 -7.05
N CYS B 212 1.42 -15.83 -8.04
CA CYS B 212 1.80 -15.84 -9.48
C CYS B 212 1.24 -14.59 -10.11
N VAL B 213 2.12 -13.83 -10.77
CA VAL B 213 1.74 -12.63 -11.48
C VAL B 213 1.91 -12.88 -12.97
N LEU B 214 0.78 -12.85 -13.66
CA LEU B 214 0.71 -13.04 -15.15
C LEU B 214 0.28 -11.76 -15.85
N ARG B 215 0.98 -11.40 -16.92
CA ARG B 215 0.66 -10.16 -17.61
CA ARG B 215 0.75 -10.17 -17.65
C ARG B 215 0.63 -10.44 -19.11
N SER B 216 -0.45 -9.97 -19.76
CA SER B 216 -0.52 -9.92 -21.22
C SER B 216 0.05 -8.57 -21.67
N ILE B 217 0.83 -8.57 -22.75
CA ILE B 217 1.46 -7.36 -23.19
C ILE B 217 0.47 -6.54 -24.04
N SER B 218 0.31 -5.27 -23.70
CA SER B 218 -0.71 -4.41 -24.36
C SER B 218 -0.16 -3.41 -25.32
N ALA B 219 1.16 -3.36 -25.46
CA ALA B 219 1.85 -2.37 -26.29
C ALA B 219 3.32 -2.72 -26.24
N ASP B 230 -9.58 -0.96 -25.30
CA ASP B 230 -10.93 -1.39 -24.94
C ASP B 230 -11.30 -2.71 -25.64
N ALA B 231 -11.21 -2.73 -26.98
CA ALA B 231 -11.40 -3.97 -27.75
C ALA B 231 -10.27 -5.01 -27.52
N PHE B 232 -9.02 -4.53 -27.42
CA PHE B 232 -7.86 -5.38 -27.08
C PHE B 232 -8.11 -6.02 -25.73
N LEU B 233 -8.55 -5.19 -24.79
CA LEU B 233 -8.69 -5.59 -23.43
C LEU B 233 -9.75 -6.68 -23.24
N GLU B 234 -10.85 -6.62 -24.01
CA GLU B 234 -11.95 -7.61 -23.92
C GLU B 234 -11.43 -9.00 -24.30
N LYS B 235 -10.71 -9.07 -25.42
CA LYS B 235 -10.17 -10.35 -25.90
C LYS B 235 -9.17 -10.87 -24.89
N SER B 236 -8.32 -9.97 -24.43
CA SER B 236 -7.21 -10.34 -23.61
C SER B 236 -7.79 -10.86 -22.28
N ALA B 237 -8.81 -10.20 -21.74
CA ALA B 237 -9.47 -10.70 -20.50
C ALA B 237 -10.11 -12.08 -20.66
N GLN B 238 -10.73 -12.37 -21.79
CA GLN B 238 -11.30 -13.69 -22.03
C GLN B 238 -10.25 -14.76 -22.11
N THR B 239 -9.16 -14.47 -22.81
CA THR B 239 -8.12 -15.49 -22.91
CA THR B 239 -8.05 -15.43 -22.93
C THR B 239 -7.44 -15.69 -21.54
N SER B 240 -7.20 -14.64 -20.77
CA SER B 240 -6.66 -14.79 -19.43
CA SER B 240 -6.71 -14.75 -19.42
C SER B 240 -7.60 -15.54 -18.48
N ALA B 241 -8.91 -15.27 -18.51
CA ALA B 241 -9.85 -16.04 -17.72
C ALA B 241 -9.72 -17.55 -18.01
N LYS B 242 -9.60 -17.91 -19.27
CA LYS B 242 -9.46 -19.32 -19.66
C LYS B 242 -8.14 -19.87 -19.07
N PHE B 243 -7.06 -19.07 -19.14
CA PHE B 243 -5.74 -19.55 -18.65
C PHE B 243 -5.83 -19.74 -17.14
N LEU B 244 -6.45 -18.81 -16.43
CA LEU B 244 -6.55 -18.92 -14.98
C LEU B 244 -7.38 -20.14 -14.60
N LYS B 245 -8.52 -20.34 -15.23
CA LYS B 245 -9.37 -21.53 -15.00
CA LYS B 245 -9.35 -21.51 -14.94
C LYS B 245 -8.54 -22.79 -15.18
N SER B 246 -7.72 -22.80 -16.22
CA SER B 246 -6.94 -23.99 -16.52
CA SER B 246 -6.94 -23.99 -16.53
C SER B 246 -5.95 -24.27 -15.37
N MET B 247 -5.41 -23.23 -14.77
CA MET B 247 -4.47 -23.36 -13.64
C MET B 247 -5.26 -23.87 -12.45
N VAL B 248 -6.41 -23.24 -12.16
CA VAL B 248 -7.20 -23.67 -11.01
C VAL B 248 -7.60 -25.14 -11.12
N ASP B 249 -7.95 -25.61 -12.29
CA ASP B 249 -8.30 -27.01 -12.50
C ASP B 249 -7.18 -27.98 -12.08
N GLU B 250 -5.97 -27.49 -12.02
CA GLU B 250 -4.82 -28.33 -11.65
C GLU B 250 -4.47 -28.21 -10.19
N LEU B 251 -5.04 -27.23 -9.51
CA LEU B 251 -4.72 -26.98 -8.12
C LEU B 251 -5.58 -27.84 -7.18
S SO4 C . -15.72 11.40 12.06
O1 SO4 C . -14.49 10.58 12.11
O2 SO4 C . -16.86 10.57 12.48
O3 SO4 C . -15.71 11.64 10.62
O4 SO4 C . -15.82 12.83 12.46
#